data_2Z4P
#
_entry.id   2Z4P
#
_cell.length_a   96.317
_cell.length_b   96.317
_cell.length_c   95.788
_cell.angle_alpha   90.00
_cell.angle_beta   90.00
_cell.angle_gamma   120.00
#
_symmetry.space_group_name_H-M   'P 32 2 1'
#
loop_
_entity.id
_entity.type
_entity.pdbx_description
1 polymer '75aa long hypothetical regulatory protein AsnC'
2 non-polymer ISOLEUCINE
3 water water
#
_entity_poly.entity_id   1
_entity_poly.type   'polypeptide(L)'
_entity_poly.pdbx_seq_one_letter_code
;MVTAFILMVTAAGKEREVMEKLLAMPEVKEAYVVYGEYDLIVKVETDTLKDLDQFITEKIRKMPEIQMTSTMIAI
;
_entity_poly.pdbx_strand_id   A,B,C,D
#
# COMPACT_ATOMS: atom_id res chain seq x y z
N MET A 1 15.55 -22.57 -14.54
CA MET A 1 14.14 -22.03 -14.53
C MET A 1 14.16 -20.62 -13.92
N VAL A 2 13.17 -19.80 -14.28
CA VAL A 2 13.06 -18.45 -13.74
C VAL A 2 11.70 -18.23 -13.08
N THR A 3 11.71 -17.66 -11.86
CA THR A 3 10.48 -17.34 -11.17
C THR A 3 10.57 -15.83 -10.92
N ALA A 4 9.49 -15.13 -11.17
CA ALA A 4 9.47 -13.68 -10.95
C ALA A 4 8.09 -13.21 -10.56
N PHE A 5 8.04 -12.07 -9.87
CA PHE A 5 6.79 -11.46 -9.46
C PHE A 5 6.73 -10.12 -10.17
N ILE A 6 5.60 -9.84 -10.81
CA ILE A 6 5.40 -8.58 -11.50
C ILE A 6 4.29 -7.81 -10.79
N LEU A 7 4.62 -6.62 -10.32
CA LEU A 7 3.66 -5.76 -9.64
C LEU A 7 3.16 -4.80 -10.72
N MET A 8 1.85 -4.59 -10.78
CA MET A 8 1.30 -3.75 -11.83
C MET A 8 0.24 -2.76 -11.38
N VAL A 9 0.19 -1.62 -12.07
CA VAL A 9 -0.83 -0.61 -11.84
C VAL A 9 -1.66 -0.73 -13.12
N THR A 10 -2.98 -0.74 -12.98
CA THR A 10 -3.83 -0.85 -14.16
C THR A 10 -4.77 0.36 -14.15
N ALA A 11 -5.47 0.56 -15.25
CA ALA A 11 -6.43 1.65 -15.32
C ALA A 11 -7.47 1.30 -14.25
N ALA A 12 -8.04 2.31 -13.62
CA ALA A 12 -9.01 2.09 -12.54
C ALA A 12 -10.24 1.32 -12.99
N GLY A 13 -10.54 0.23 -12.30
CA GLY A 13 -11.70 -0.55 -12.65
C GLY A 13 -11.47 -1.66 -13.66
N LYS A 14 -10.23 -1.84 -14.11
CA LYS A 14 -9.89 -2.88 -15.08
C LYS A 14 -9.02 -3.98 -14.47
N GLU A 15 -8.62 -3.83 -13.21
CA GLU A 15 -7.76 -4.80 -12.56
C GLU A 15 -8.29 -6.24 -12.63
N ARG A 16 -9.58 -6.42 -12.41
CA ARG A 16 -10.14 -7.76 -12.44
C ARG A 16 -10.10 -8.37 -13.84
N GLU A 17 -10.48 -7.61 -14.87
CA GLU A 17 -10.46 -8.14 -16.23
C GLU A 17 -9.03 -8.43 -16.70
N VAL A 18 -8.08 -7.61 -16.28
CA VAL A 18 -6.69 -7.82 -16.63
C VAL A 18 -6.22 -9.11 -15.94
N MET A 19 -6.54 -9.25 -14.65
CA MET A 19 -6.15 -10.44 -13.91
C MET A 19 -6.64 -11.72 -14.57
N GLU A 20 -7.89 -11.71 -15.04
CA GLU A 20 -8.44 -12.89 -15.67
C GLU A 20 -7.67 -13.25 -16.95
N LYS A 21 -7.30 -12.24 -17.74
CA LYS A 21 -6.54 -12.48 -18.95
C LYS A 21 -5.16 -13.05 -18.63
N LEU A 22 -4.53 -12.53 -17.58
CA LEU A 22 -3.21 -13.01 -17.21
C LEU A 22 -3.25 -14.45 -16.70
N LEU A 23 -4.25 -14.75 -15.86
CA LEU A 23 -4.42 -16.09 -15.31
C LEU A 23 -4.59 -17.14 -16.40
N ALA A 24 -5.08 -16.72 -17.55
CA ALA A 24 -5.29 -17.65 -18.66
C ALA A 24 -4.00 -17.99 -19.41
N MET A 25 -2.92 -17.26 -19.13
CA MET A 25 -1.63 -17.49 -19.78
C MET A 25 -0.83 -18.57 -19.04
N PRO A 26 -0.25 -19.52 -19.78
CA PRO A 26 0.53 -20.60 -19.16
C PRO A 26 1.68 -20.16 -18.25
N GLU A 27 2.33 -19.04 -18.56
CA GLU A 27 3.44 -18.55 -17.74
C GLU A 27 3.00 -18.07 -16.34
N VAL A 28 1.72 -17.71 -16.22
CA VAL A 28 1.21 -17.17 -14.97
C VAL A 28 0.76 -18.25 -14.00
N LYS A 29 1.35 -18.25 -12.81
CA LYS A 29 1.02 -19.24 -11.80
C LYS A 29 0.05 -18.74 -10.74
N GLU A 30 0.11 -17.43 -10.43
CA GLU A 30 -0.80 -16.83 -9.43
C GLU A 30 -0.99 -15.37 -9.77
N ALA A 31 -2.14 -14.82 -9.39
CA ALA A 31 -2.42 -13.41 -9.63
C ALA A 31 -3.47 -12.96 -8.63
N TYR A 32 -3.25 -11.77 -8.07
CA TYR A 32 -4.14 -11.21 -7.07
C TYR A 32 -4.27 -9.70 -7.21
N VAL A 33 -5.48 -9.21 -6.98
CA VAL A 33 -5.73 -7.77 -7.00
C VAL A 33 -5.36 -7.37 -5.59
N VAL A 34 -4.64 -6.27 -5.42
CA VAL A 34 -4.21 -5.87 -4.09
C VAL A 34 -4.39 -4.39 -3.78
N TYR A 35 -4.38 -4.06 -2.49
CA TYR A 35 -4.48 -2.69 -2.01
C TYR A 35 -3.10 -2.07 -1.99
N GLY A 36 -3.00 -0.77 -2.24
CA GLY A 36 -1.71 -0.10 -2.22
C GLY A 36 -1.40 0.60 -3.53
N GLU A 37 -0.13 0.96 -3.70
CA GLU A 37 0.32 1.67 -4.91
C GLU A 37 0.19 0.79 -6.14
N TYR A 38 0.31 -0.52 -5.96
CA TYR A 38 0.17 -1.45 -7.06
C TYR A 38 -1.25 -2.04 -7.00
N ASP A 39 -1.77 -2.46 -8.15
CA ASP A 39 -3.13 -2.99 -8.23
C ASP A 39 -3.18 -4.50 -8.37
N LEU A 40 -2.15 -5.07 -8.98
CA LEU A 40 -2.07 -6.53 -9.18
C LEU A 40 -0.67 -7.02 -8.88
N ILE A 41 -0.57 -8.25 -8.39
CA ILE A 41 0.72 -8.88 -8.17
C ILE A 41 0.55 -10.18 -8.95
N VAL A 42 1.54 -10.48 -9.78
CA VAL A 42 1.48 -11.66 -10.62
C VAL A 42 2.75 -12.47 -10.48
N LYS A 43 2.60 -13.78 -10.30
CA LYS A 43 3.76 -14.64 -10.20
C LYS A 43 3.90 -15.37 -11.52
N VAL A 44 5.10 -15.32 -12.11
CA VAL A 44 5.33 -15.98 -13.37
C VAL A 44 6.54 -16.92 -13.28
N GLU A 45 6.52 -17.97 -14.08
CA GLU A 45 7.62 -18.92 -14.12
C GLU A 45 7.90 -19.22 -15.58
N THR A 46 9.16 -19.04 -16.00
CA THR A 46 9.55 -19.29 -17.39
C THR A 46 10.85 -20.10 -17.42
N ASP A 47 11.15 -20.70 -18.58
CA ASP A 47 12.36 -21.51 -18.71
C ASP A 47 13.63 -20.68 -18.66
N THR A 48 13.59 -19.51 -19.29
CA THR A 48 14.76 -18.64 -19.37
C THR A 48 14.43 -17.17 -19.16
N LEU A 49 15.48 -16.38 -18.94
CA LEU A 49 15.31 -14.95 -18.78
C LEU A 49 14.82 -14.38 -20.12
N LYS A 50 15.30 -14.95 -21.21
CA LYS A 50 14.87 -14.51 -22.53
C LYS A 50 13.35 -14.68 -22.64
N ASP A 51 12.84 -15.78 -22.09
CA ASP A 51 11.40 -16.03 -22.13
C ASP A 51 10.66 -15.01 -21.25
N LEU A 52 11.26 -14.65 -20.13
CA LEU A 52 10.62 -13.65 -19.26
C LEU A 52 10.59 -12.31 -20.02
N ASP A 53 11.69 -11.99 -20.70
CA ASP A 53 11.77 -10.75 -21.49
C ASP A 53 10.63 -10.73 -22.51
N GLN A 54 10.42 -11.86 -23.19
CA GLN A 54 9.37 -11.96 -24.20
C GLN A 54 7.97 -11.85 -23.58
N PHE A 55 7.81 -12.35 -22.36
CA PHE A 55 6.51 -12.26 -21.71
C PHE A 55 6.18 -10.78 -21.42
N ILE A 56 7.18 -10.04 -20.98
CA ILE A 56 6.99 -8.62 -20.66
C ILE A 56 6.68 -7.81 -21.94
N THR A 57 7.51 -7.98 -22.96
CA THR A 57 7.32 -7.21 -24.19
C THR A 57 6.18 -7.65 -25.08
N GLU A 58 5.98 -8.96 -25.22
CA GLU A 58 4.94 -9.45 -26.12
C GLU A 58 3.57 -9.63 -25.50
N LYS A 59 3.50 -9.76 -24.18
CA LYS A 59 2.22 -9.95 -23.52
C LYS A 59 1.83 -8.74 -22.70
N ILE A 60 2.55 -8.50 -21.61
CA ILE A 60 2.25 -7.38 -20.72
C ILE A 60 2.16 -6.01 -21.41
N ARG A 61 3.24 -5.60 -22.09
CA ARG A 61 3.26 -4.29 -22.72
C ARG A 61 2.38 -4.06 -23.94
N LYS A 62 1.67 -5.08 -24.37
CA LYS A 62 0.73 -4.93 -25.47
C LYS A 62 -0.70 -4.78 -24.90
N MET A 63 -0.83 -4.81 -23.57
CA MET A 63 -2.13 -4.65 -22.93
C MET A 63 -2.26 -3.20 -22.46
N PRO A 64 -3.10 -2.41 -23.15
CA PRO A 64 -3.29 -1.00 -22.80
C PRO A 64 -3.76 -0.70 -21.38
N GLU A 65 -4.47 -1.65 -20.77
CA GLU A 65 -4.97 -1.43 -19.42
C GLU A 65 -3.85 -1.44 -18.37
N ILE A 66 -2.71 -2.03 -18.70
CA ILE A 66 -1.59 -2.05 -17.75
C ILE A 66 -0.75 -0.80 -17.95
N GLN A 67 -0.56 -0.02 -16.88
CA GLN A 67 0.16 1.25 -16.97
C GLN A 67 1.60 1.37 -16.48
N MET A 68 1.92 0.70 -15.38
CA MET A 68 3.27 0.73 -14.84
C MET A 68 3.55 -0.61 -14.18
N THR A 69 4.75 -1.13 -14.41
CA THR A 69 5.12 -2.41 -13.83
C THR A 69 6.47 -2.37 -13.16
N SER A 70 6.67 -3.30 -12.22
CA SER A 70 7.93 -3.44 -11.52
C SER A 70 8.12 -4.96 -11.38
N THR A 71 9.20 -5.46 -11.95
CA THR A 71 9.47 -6.90 -11.91
C THR A 71 10.60 -7.27 -10.97
N MET A 72 10.37 -8.27 -10.13
CA MET A 72 11.37 -8.75 -9.20
C MET A 72 11.60 -10.23 -9.51
N ILE A 73 12.83 -10.55 -9.88
CA ILE A 73 13.22 -11.91 -10.25
C ILE A 73 13.83 -12.64 -9.04
N ALA A 74 13.33 -13.82 -8.74
CA ALA A 74 13.84 -14.60 -7.61
C ALA A 74 15.26 -15.04 -7.91
N ILE A 75 16.09 -15.07 -6.87
CA ILE A 75 17.49 -15.47 -7.01
C ILE A 75 17.93 -16.29 -5.81
N MET B 1 -10.64 -15.79 5.13
CA MET B 1 -9.14 -15.80 5.20
C MET B 1 -8.61 -14.54 4.52
N VAL B 2 -7.52 -13.99 5.04
CA VAL B 2 -6.88 -12.80 4.47
C VAL B 2 -5.53 -13.19 3.89
N THR B 3 -5.29 -12.82 2.64
CA THR B 3 -4.02 -13.11 1.98
C THR B 3 -3.33 -11.78 1.75
N ALA B 4 -2.01 -11.75 1.95
CA ALA B 4 -1.24 -10.52 1.73
C ALA B 4 0.17 -10.85 1.24
N PHE B 5 0.76 -9.91 0.55
CA PHE B 5 2.14 -10.08 0.08
C PHE B 5 2.97 -9.00 0.78
N ILE B 6 4.02 -9.42 1.47
CA ILE B 6 4.89 -8.48 2.15
C ILE B 6 6.16 -8.30 1.33
N LEU B 7 6.46 -7.05 0.99
CA LEU B 7 7.68 -6.72 0.26
C LEU B 7 8.62 -6.25 1.37
N MET B 8 9.80 -6.85 1.47
CA MET B 8 10.72 -6.49 2.54
C MET B 8 12.12 -6.06 2.14
N VAL B 9 12.73 -5.28 3.03
CA VAL B 9 14.11 -4.84 2.88
C VAL B 9 14.75 -5.31 4.19
N THR B 10 15.80 -6.12 4.09
CA THR B 10 16.49 -6.63 5.27
C THR B 10 17.86 -6.00 5.38
N ALA B 11 18.51 -6.19 6.52
CA ALA B 11 19.86 -5.67 6.71
C ALA B 11 20.70 -6.43 5.70
N ALA B 12 21.80 -5.82 5.23
CA ALA B 12 22.66 -6.46 4.25
C ALA B 12 23.13 -7.86 4.69
N GLY B 13 23.11 -8.79 3.74
CA GLY B 13 23.56 -10.15 4.01
C GLY B 13 22.74 -10.98 4.97
N LYS B 14 21.52 -10.55 5.27
CA LYS B 14 20.68 -11.31 6.19
C LYS B 14 19.46 -11.90 5.48
N GLU B 15 19.31 -11.61 4.19
CA GLU B 15 18.18 -12.10 3.40
C GLU B 15 17.86 -13.57 3.60
N ARG B 16 18.86 -14.42 3.38
CA ARG B 16 18.67 -15.87 3.50
C ARG B 16 18.27 -16.32 4.90
N GLU B 17 18.94 -15.79 5.92
CA GLU B 17 18.62 -16.19 7.29
C GLU B 17 17.21 -15.71 7.66
N VAL B 18 16.84 -14.53 7.19
CA VAL B 18 15.50 -14.01 7.48
C VAL B 18 14.48 -14.92 6.80
N MET B 19 14.75 -15.29 5.56
CA MET B 19 13.84 -16.15 4.82
C MET B 19 13.62 -17.48 5.53
N GLU B 20 14.68 -18.10 6.03
CA GLU B 20 14.49 -19.38 6.69
C GLU B 20 13.65 -19.23 7.95
N LYS B 21 13.82 -18.12 8.67
CA LYS B 21 13.01 -17.91 9.88
C LYS B 21 11.54 -17.74 9.47
N LEU B 22 11.30 -17.03 8.37
CA LEU B 22 9.93 -16.79 7.92
C LEU B 22 9.26 -18.10 7.50
N LEU B 23 9.99 -18.92 6.74
CA LEU B 23 9.45 -20.19 6.24
C LEU B 23 8.98 -21.11 7.38
N ALA B 24 9.48 -20.86 8.58
CA ALA B 24 9.10 -21.66 9.74
C ALA B 24 7.78 -21.21 10.35
N MET B 25 7.29 -20.03 9.96
CA MET B 25 6.04 -19.51 10.48
C MET B 25 4.83 -20.06 9.72
N PRO B 26 3.83 -20.57 10.44
CA PRO B 26 2.64 -21.13 9.80
C PRO B 26 1.89 -20.15 8.90
N GLU B 27 1.97 -18.86 9.21
CA GLU B 27 1.30 -17.83 8.39
C GLU B 27 1.97 -17.65 7.03
N VAL B 28 3.26 -17.97 6.94
CA VAL B 28 4.01 -17.80 5.70
C VAL B 28 3.76 -18.95 4.75
N LYS B 29 3.22 -18.63 3.57
CA LYS B 29 2.90 -19.64 2.56
C LYS B 29 3.95 -19.72 1.46
N GLU B 30 4.60 -18.61 1.16
CA GLU B 30 5.65 -18.56 0.14
C GLU B 30 6.62 -17.45 0.51
N ALA B 31 7.91 -17.66 0.26
CA ALA B 31 8.91 -16.63 0.53
C ALA B 31 10.00 -16.77 -0.52
N TYR B 32 10.46 -15.63 -1.05
CA TYR B 32 11.48 -15.62 -2.09
C TYR B 32 12.46 -14.47 -1.91
N VAL B 33 13.74 -14.74 -2.13
CA VAL B 33 14.73 -13.68 -2.09
C VAL B 33 14.69 -13.19 -3.53
N VAL B 34 14.67 -11.88 -3.74
CA VAL B 34 14.58 -11.35 -5.10
C VAL B 34 15.55 -10.22 -5.40
N TYR B 35 15.77 -9.99 -6.70
CA TYR B 35 16.65 -8.91 -7.13
C TYR B 35 15.77 -7.69 -7.38
N GLY B 36 16.16 -6.55 -6.84
CA GLY B 36 15.41 -5.32 -7.02
C GLY B 36 15.49 -4.41 -5.82
N GLU B 37 14.52 -3.50 -5.70
CA GLU B 37 14.45 -2.56 -4.59
C GLU B 37 14.16 -3.28 -3.28
N TYR B 38 13.35 -4.35 -3.35
CA TYR B 38 13.01 -5.13 -2.17
C TYR B 38 13.90 -6.38 -2.13
N ASP B 39 14.21 -6.87 -0.93
CA ASP B 39 15.05 -8.06 -0.77
C ASP B 39 14.26 -9.36 -0.75
N LEU B 40 13.04 -9.31 -0.22
CA LEU B 40 12.20 -10.50 -0.17
C LEU B 40 10.75 -10.20 -0.48
N ILE B 41 10.05 -11.20 -1.02
CA ILE B 41 8.63 -11.10 -1.27
C ILE B 41 8.08 -12.31 -0.53
N VAL B 42 7.13 -12.06 0.36
CA VAL B 42 6.56 -13.11 1.21
C VAL B 42 5.04 -13.15 1.13
N LYS B 43 4.49 -14.33 0.87
CA LYS B 43 3.03 -14.48 0.81
C LYS B 43 2.58 -15.01 2.16
N VAL B 44 1.62 -14.32 2.78
CA VAL B 44 1.14 -14.76 4.07
C VAL B 44 -0.38 -14.87 4.05
N GLU B 45 -0.91 -15.73 4.92
CA GLU B 45 -2.35 -15.92 5.04
C GLU B 45 -2.72 -16.04 6.51
N THR B 46 -3.78 -15.35 6.93
CA THR B 46 -4.27 -15.39 8.32
C THR B 46 -5.78 -15.61 8.26
N ASP B 47 -6.38 -15.98 9.38
CA ASP B 47 -7.83 -16.20 9.36
C ASP B 47 -8.62 -14.90 9.31
N THR B 48 -8.13 -13.85 9.96
CA THR B 48 -8.81 -12.55 9.97
C THR B 48 -7.85 -11.39 9.77
N LEU B 49 -8.40 -10.21 9.53
CA LEU B 49 -7.57 -9.02 9.34
C LEU B 49 -6.92 -8.67 10.68
N LYS B 50 -7.66 -8.82 11.78
CA LYS B 50 -7.07 -8.50 13.07
C LYS B 50 -5.83 -9.36 13.37
N ASP B 51 -5.84 -10.61 12.91
CA ASP B 51 -4.69 -11.49 13.11
C ASP B 51 -3.49 -11.04 12.26
N LEU B 52 -3.77 -10.63 11.03
CA LEU B 52 -2.71 -10.13 10.17
C LEU B 52 -2.11 -8.89 10.83
N ASP B 53 -2.96 -7.98 11.31
CA ASP B 53 -2.48 -6.77 11.98
C ASP B 53 -1.46 -7.16 13.06
N GLN B 54 -1.83 -8.12 13.89
CA GLN B 54 -0.98 -8.60 14.99
C GLN B 54 0.32 -9.22 14.46
N PHE B 55 0.19 -10.09 13.47
CA PHE B 55 1.35 -10.77 12.88
C PHE B 55 2.37 -9.79 12.29
N ILE B 56 1.91 -8.79 11.55
CA ILE B 56 2.82 -7.84 10.95
C ILE B 56 3.48 -6.90 11.96
N THR B 57 2.67 -6.31 12.85
CA THR B 57 3.22 -5.37 13.82
C THR B 57 3.97 -5.96 15.00
N GLU B 58 3.49 -7.08 15.54
CA GLU B 58 4.15 -7.68 16.70
C GLU B 58 5.16 -8.78 16.41
N LYS B 59 5.07 -9.41 15.25
CA LYS B 59 6.04 -10.46 14.93
C LYS B 59 7.03 -9.99 13.86
N ILE B 60 6.54 -9.82 12.64
CA ILE B 60 7.38 -9.43 11.53
C ILE B 60 8.21 -8.18 11.73
N ARG B 61 7.57 -7.06 12.04
CA ARG B 61 8.33 -5.82 12.19
C ARG B 61 9.19 -5.70 13.44
N LYS B 62 9.12 -6.71 14.31
CA LYS B 62 9.93 -6.73 15.53
C LYS B 62 11.20 -7.54 15.30
N MET B 63 11.30 -8.17 14.13
CA MET B 63 12.49 -8.96 13.81
C MET B 63 13.63 -7.97 13.58
N PRO B 64 14.72 -8.10 14.35
CA PRO B 64 15.89 -7.22 14.25
C PRO B 64 16.48 -7.03 12.87
N GLU B 65 16.46 -8.09 12.07
CA GLU B 65 17.03 -8.08 10.72
C GLU B 65 16.19 -7.36 9.67
N ILE B 66 14.91 -7.15 9.97
CA ILE B 66 14.02 -6.49 9.00
C ILE B 66 14.04 -4.97 9.19
N GLN B 67 14.30 -4.26 8.09
CA GLN B 67 14.38 -2.81 8.11
C GLN B 67 13.14 -2.11 7.60
N MET B 68 12.49 -2.69 6.59
CA MET B 68 11.29 -2.11 6.01
C MET B 68 10.32 -3.15 5.50
N THR B 69 9.03 -2.86 5.57
CA THR B 69 8.02 -3.76 5.04
C THR B 69 6.91 -2.93 4.42
N SER B 70 6.41 -3.40 3.29
CA SER B 70 5.30 -2.76 2.60
C SER B 70 4.38 -3.95 2.30
N THR B 71 3.26 -4.02 3.03
CA THR B 71 2.33 -5.13 2.90
C THR B 71 1.13 -4.82 2.00
N MET B 72 0.91 -5.68 1.02
CA MET B 72 -0.19 -5.52 0.07
C MET B 72 -1.26 -6.58 0.32
N ILE B 73 -2.36 -6.14 0.90
CA ILE B 73 -3.48 -7.04 1.20
C ILE B 73 -4.25 -7.37 -0.09
N ALA B 74 -4.57 -8.64 -0.30
CA ALA B 74 -5.28 -9.04 -1.50
C ALA B 74 -6.78 -8.94 -1.34
N ILE B 75 -7.45 -8.65 -2.45
CA ILE B 75 -8.90 -8.57 -2.47
C ILE B 75 -9.40 -10.01 -2.55
N MET C 1 -6.91 28.73 8.91
CA MET C 1 -6.35 27.48 9.50
C MET C 1 -5.80 26.57 8.42
N VAL C 2 -4.67 25.93 8.70
CA VAL C 2 -4.06 25.02 7.74
C VAL C 2 -4.25 23.57 8.21
N THR C 3 -4.76 22.73 7.30
CA THR C 3 -4.97 21.32 7.60
C THR C 3 -4.07 20.55 6.63
N ALA C 4 -3.37 19.54 7.15
CA ALA C 4 -2.49 18.75 6.32
C ALA C 4 -2.42 17.30 6.77
N PHE C 5 -2.18 16.40 5.83
CA PHE C 5 -2.01 14.98 6.12
C PHE C 5 -0.54 14.67 5.93
N ILE C 6 0.07 14.06 6.93
CA ILE C 6 1.47 13.71 6.83
C ILE C 6 1.62 12.20 6.84
N LEU C 7 2.24 11.68 5.79
CA LEU C 7 2.49 10.25 5.64
C LEU C 7 3.92 10.02 6.08
N MET C 8 4.15 9.01 6.91
CA MET C 8 5.50 8.75 7.41
C MET C 8 5.92 7.29 7.43
N VAL C 9 7.22 7.09 7.26
CA VAL C 9 7.85 5.77 7.32
C VAL C 9 8.63 5.81 8.63
N THR C 10 8.48 4.78 9.45
CA THR C 10 9.18 4.74 10.73
C THR C 10 10.12 3.55 10.74
N ALA C 11 10.99 3.51 11.74
CA ALA C 11 11.90 2.38 11.87
C ALA C 11 10.97 1.20 12.10
N ALA C 12 11.30 0.05 11.53
CA ALA C 12 10.45 -1.12 11.70
C ALA C 12 10.23 -1.46 13.18
N GLY C 13 8.97 -1.58 13.58
CA GLY C 13 8.67 -1.93 14.97
C GLY C 13 8.47 -0.77 15.91
N LYS C 14 8.69 0.46 15.43
CA LYS C 14 8.53 1.65 16.27
C LYS C 14 7.29 2.48 15.91
N GLU C 15 6.52 2.05 14.91
CA GLU C 15 5.36 2.86 14.51
C GLU C 15 4.32 3.16 15.59
N ARG C 16 3.99 2.19 16.44
CA ARG C 16 3.01 2.48 17.49
C ARG C 16 3.50 3.46 18.54
N GLU C 17 4.72 3.27 19.02
CA GLU C 17 5.27 4.15 20.04
C GLU C 17 5.36 5.58 19.49
N VAL C 18 5.65 5.71 18.19
CA VAL C 18 5.72 7.02 17.57
C VAL C 18 4.31 7.61 17.51
N MET C 19 3.36 6.83 17.03
CA MET C 19 1.98 7.30 16.93
C MET C 19 1.48 7.84 18.26
N GLU C 20 1.78 7.13 19.35
CA GLU C 20 1.34 7.57 20.67
C GLU C 20 1.94 8.93 21.01
N LYS C 21 3.22 9.11 20.69
CA LYS C 21 3.87 10.40 20.95
C LYS C 21 3.13 11.49 20.17
N LEU C 22 2.91 11.23 18.88
CA LEU C 22 2.23 12.19 18.02
C LEU C 22 0.83 12.51 18.53
N LEU C 23 0.10 11.47 18.92
CA LEU C 23 -1.25 11.65 19.44
C LEU C 23 -1.31 12.55 20.68
N ALA C 24 -0.17 12.72 21.33
CA ALA C 24 -0.09 13.55 22.53
C ALA C 24 0.10 15.03 22.18
N MET C 25 0.34 15.30 20.90
CA MET C 25 0.54 16.68 20.46
C MET C 25 -0.79 17.34 20.10
N PRO C 26 -0.98 18.60 20.51
CA PRO C 26 -2.22 19.32 20.21
C PRO C 26 -2.52 19.51 18.72
N GLU C 27 -1.47 19.71 17.92
CA GLU C 27 -1.65 19.92 16.48
C GLU C 27 -2.17 18.66 15.77
N VAL C 28 -1.97 17.49 16.37
CA VAL C 28 -2.41 16.24 15.76
C VAL C 28 -3.87 15.92 16.06
N LYS C 29 -4.69 15.88 15.02
CA LYS C 29 -6.12 15.58 15.17
C LYS C 29 -6.46 14.09 15.08
N GLU C 30 -5.69 13.34 14.31
CA GLU C 30 -5.91 11.90 14.19
C GLU C 30 -4.62 11.22 13.72
N ALA C 31 -4.47 9.94 14.02
CA ALA C 31 -3.25 9.23 13.64
C ALA C 31 -3.55 7.75 13.55
N TYR C 32 -3.03 7.10 12.51
CA TYR C 32 -3.26 5.68 12.30
C TYR C 32 -2.03 4.97 11.75
N VAL C 33 -1.80 3.74 12.20
CA VAL C 33 -0.73 2.91 11.65
C VAL C 33 -1.43 2.33 10.40
N VAL C 34 -0.76 2.36 9.25
CA VAL C 34 -1.36 1.87 8.02
C VAL C 34 -0.49 0.90 7.22
N TYR C 35 -1.16 0.13 6.35
CA TYR C 35 -0.50 -0.83 5.45
C TYR C 35 -0.02 -0.11 4.21
N GLY C 36 1.10 -0.56 3.66
CA GLY C 36 1.60 0.06 2.45
C GLY C 36 3.02 0.59 2.60
N GLU C 37 3.43 1.41 1.65
CA GLU C 37 4.76 2.00 1.65
C GLU C 37 4.96 2.85 2.92
N TYR C 38 3.91 3.53 3.35
CA TYR C 38 3.97 4.35 4.56
C TYR C 38 3.49 3.55 5.75
N ASP C 39 3.93 3.94 6.94
CA ASP C 39 3.57 3.22 8.15
C ASP C 39 2.57 3.97 9.03
N LEU C 40 2.52 5.29 8.87
CA LEU C 40 1.63 6.15 9.64
C LEU C 40 1.05 7.27 8.82
N ILE C 41 -0.18 7.64 9.13
CA ILE C 41 -0.79 8.79 8.48
C ILE C 41 -1.27 9.63 9.66
N VAL C 42 -0.99 10.93 9.58
CA VAL C 42 -1.36 11.84 10.64
C VAL C 42 -2.06 13.06 10.04
N LYS C 43 -3.14 13.50 10.67
CA LYS C 43 -3.84 14.69 10.19
C LYS C 43 -3.49 15.78 11.19
N VAL C 44 -2.93 16.89 10.68
CA VAL C 44 -2.57 17.98 11.58
C VAL C 44 -3.30 19.26 11.18
N GLU C 45 -3.48 20.15 12.15
CA GLU C 45 -4.14 21.43 11.92
C GLU C 45 -3.41 22.49 12.72
N THR C 46 -2.97 23.55 12.03
CA THR C 46 -2.26 24.65 12.65
C THR C 46 -2.88 25.96 12.19
N ASP C 47 -2.61 27.04 12.92
CA ASP C 47 -3.18 28.33 12.54
C ASP C 47 -2.53 28.85 11.26
N THR C 48 -1.22 28.64 11.11
CA THR C 48 -0.53 29.12 9.92
C THR C 48 0.42 28.11 9.27
N LEU C 49 0.88 28.44 8.07
CA LEU C 49 1.80 27.59 7.33
C LEU C 49 3.12 27.61 8.09
N LYS C 50 3.44 28.78 8.66
CA LYS C 50 4.65 28.93 9.42
C LYS C 50 4.66 27.90 10.56
N ASP C 51 3.54 27.80 11.26
CA ASP C 51 3.43 26.86 12.37
C ASP C 51 3.50 25.40 11.93
N LEU C 52 3.04 25.11 10.71
CA LEU C 52 3.10 23.74 10.20
C LEU C 52 4.56 23.36 10.01
N ASP C 53 5.32 24.25 9.36
CA ASP C 53 6.73 23.99 9.12
C ASP C 53 7.48 23.84 10.44
N GLN C 54 7.18 24.69 11.41
CA GLN C 54 7.82 24.61 12.72
C GLN C 54 7.47 23.26 13.35
N PHE C 55 6.23 22.82 13.17
CA PHE C 55 5.80 21.56 13.75
C PHE C 55 6.63 20.38 13.23
N ILE C 56 6.71 20.22 11.92
CA ILE C 56 7.46 19.10 11.37
C ILE C 56 8.95 19.25 11.67
N THR C 57 9.40 20.49 11.74
CA THR C 57 10.81 20.78 12.02
C THR C 57 11.20 20.56 13.47
N GLU C 58 10.44 21.17 14.39
CA GLU C 58 10.73 21.05 15.81
C GLU C 58 10.32 19.70 16.40
N LYS C 59 9.24 19.12 15.88
CA LYS C 59 8.77 17.84 16.39
C LYS C 59 9.01 16.65 15.46
N ILE C 60 8.35 16.63 14.31
CA ILE C 60 8.48 15.53 13.37
C ILE C 60 9.92 15.16 12.99
N ARG C 61 10.61 16.05 12.30
CA ARG C 61 11.99 15.80 11.89
C ARG C 61 12.96 15.55 13.04
N LYS C 62 12.58 15.91 14.26
CA LYS C 62 13.46 15.69 15.40
C LYS C 62 13.15 14.40 16.14
N MET C 63 12.44 13.49 15.48
CA MET C 63 12.10 12.20 16.05
C MET C 63 12.95 11.20 15.26
N PRO C 64 13.93 10.58 15.93
CA PRO C 64 14.81 9.62 15.26
C PRO C 64 14.11 8.42 14.62
N GLU C 65 13.01 7.97 15.22
CA GLU C 65 12.27 6.82 14.69
C GLU C 65 11.61 7.13 13.35
N ILE C 66 11.33 8.41 13.09
CA ILE C 66 10.70 8.79 11.84
C ILE C 66 11.81 8.93 10.80
N GLN C 67 11.73 8.15 9.74
CA GLN C 67 12.76 8.16 8.72
C GLN C 67 12.45 8.96 7.46
N MET C 68 11.18 8.96 7.06
CA MET C 68 10.79 9.69 5.85
C MET C 68 9.35 10.17 5.98
N THR C 69 9.07 11.33 5.40
CA THR C 69 7.72 11.87 5.45
C THR C 69 7.35 12.57 4.16
N SER C 70 6.05 12.63 3.90
CA SER C 70 5.49 13.28 2.73
C SER C 70 4.30 14.07 3.25
N THR C 71 4.27 15.36 2.99
CA THR C 71 3.17 16.21 3.46
C THR C 71 2.21 16.60 2.35
N MET C 72 0.92 16.51 2.62
CA MET C 72 -0.11 16.90 1.66
C MET C 72 -1.01 17.91 2.33
N ILE C 73 -0.91 19.17 1.93
CA ILE C 73 -1.74 20.21 2.50
C ILE C 73 -3.14 20.09 1.89
N ALA C 74 -4.15 20.19 2.74
CA ALA C 74 -5.52 20.09 2.29
C ALA C 74 -6.02 21.45 1.86
N ILE C 75 -6.80 21.48 0.78
CA ILE C 75 -7.36 22.72 0.28
C ILE C 75 -8.79 22.84 0.81
N MET D 1 -14.91 -3.17 12.52
CA MET D 1 -14.91 -2.01 11.57
C MET D 1 -13.53 -1.84 10.96
N VAL D 2 -13.51 -1.58 9.66
CA VAL D 2 -12.24 -1.39 8.95
C VAL D 2 -12.21 0.08 8.51
N THR D 3 -11.09 0.73 8.76
CA THR D 3 -10.88 2.12 8.38
C THR D 3 -9.77 2.12 7.33
N ALA D 4 -9.90 2.96 6.31
CA ALA D 4 -8.88 3.04 5.26
C ALA D 4 -8.84 4.46 4.72
N PHE D 5 -7.69 4.84 4.18
CA PHE D 5 -7.51 6.15 3.55
C PHE D 5 -7.21 5.90 2.08
N ILE D 6 -7.97 6.55 1.20
CA ILE D 6 -7.78 6.37 -0.24
C ILE D 6 -7.27 7.63 -0.90
N LEU D 7 -6.12 7.53 -1.56
CA LEU D 7 -5.55 8.65 -2.31
C LEU D 7 -6.07 8.45 -3.73
N MET D 8 -6.55 9.52 -4.36
CA MET D 8 -7.12 9.41 -5.69
C MET D 8 -6.66 10.48 -6.68
N VAL D 9 -6.54 10.09 -7.94
CA VAL D 9 -6.24 11.03 -9.00
C VAL D 9 -7.49 11.02 -9.88
N THR D 10 -8.02 12.21 -10.20
CA THR D 10 -9.20 12.28 -11.06
C THR D 10 -8.87 12.92 -12.41
N ALA D 11 -9.81 12.83 -13.34
CA ALA D 11 -9.65 13.44 -14.65
C ALA D 11 -9.65 14.96 -14.43
N ALA D 12 -9.04 15.71 -15.35
CA ALA D 12 -9.00 17.18 -15.20
C ALA D 12 -10.42 17.78 -15.17
N GLY D 13 -10.63 18.74 -14.27
CA GLY D 13 -11.92 19.37 -14.15
C GLY D 13 -13.00 18.52 -13.51
N LYS D 14 -12.62 17.39 -12.92
CA LYS D 14 -13.60 16.49 -12.30
C LYS D 14 -13.40 16.25 -10.80
N GLU D 15 -12.37 16.85 -10.19
CA GLU D 15 -12.18 16.57 -8.78
C GLU D 15 -13.34 17.02 -7.89
N ARG D 16 -14.02 18.11 -8.25
CA ARG D 16 -15.15 18.55 -7.43
C ARG D 16 -16.33 17.60 -7.66
N GLU D 17 -16.50 17.18 -8.91
CA GLU D 17 -17.55 16.23 -9.28
C GLU D 17 -17.39 14.94 -8.49
N VAL D 18 -16.16 14.48 -8.33
CA VAL D 18 -15.89 13.28 -7.56
C VAL D 18 -16.16 13.52 -6.08
N MET D 19 -15.72 14.66 -5.57
CA MET D 19 -15.95 14.99 -4.15
C MET D 19 -17.46 14.98 -3.85
N GLU D 20 -18.26 15.48 -4.79
CA GLU D 20 -19.71 15.52 -4.60
C GLU D 20 -20.29 14.12 -4.53
N LYS D 21 -19.75 13.19 -5.33
CA LYS D 21 -20.22 11.80 -5.25
C LYS D 21 -19.80 11.22 -3.91
N LEU D 22 -18.55 11.44 -3.53
CA LEU D 22 -18.02 10.91 -2.28
C LEU D 22 -18.75 11.41 -1.03
N LEU D 23 -19.01 12.71 -0.97
CA LEU D 23 -19.66 13.28 0.18
C LEU D 23 -21.14 12.90 0.34
N ALA D 24 -21.64 12.04 -0.55
CA ALA D 24 -23.03 11.55 -0.45
C ALA D 24 -23.01 10.05 -0.05
N MET D 25 -21.81 9.48 0.04
CA MET D 25 -21.69 8.05 0.40
C MET D 25 -21.57 7.84 1.90
N PRO D 26 -22.33 6.88 2.45
CA PRO D 26 -22.33 6.56 3.88
C PRO D 26 -20.93 6.20 4.42
N GLU D 27 -20.17 5.44 3.63
CA GLU D 27 -18.83 4.98 3.99
C GLU D 27 -17.75 6.08 4.12
N VAL D 28 -17.99 7.22 3.48
CA VAL D 28 -17.01 8.33 3.52
C VAL D 28 -17.13 9.15 4.80
N LYS D 29 -16.07 9.11 5.63
CA LYS D 29 -16.07 9.85 6.89
C LYS D 29 -15.50 11.25 6.74
N GLU D 30 -14.53 11.42 5.83
CA GLU D 30 -13.97 12.75 5.56
C GLU D 30 -13.34 12.70 4.18
N ALA D 31 -13.28 13.85 3.51
CA ALA D 31 -12.72 13.91 2.17
C ALA D 31 -12.14 15.28 1.93
N TYR D 32 -10.93 15.33 1.38
CA TYR D 32 -10.27 16.61 1.13
C TYR D 32 -9.56 16.67 -0.22
N VAL D 33 -9.58 17.86 -0.81
CA VAL D 33 -8.82 18.06 -2.04
C VAL D 33 -7.44 18.36 -1.43
N VAL D 34 -6.38 17.79 -2.00
CA VAL D 34 -5.03 18.03 -1.47
C VAL D 34 -4.05 18.39 -2.57
N TYR D 35 -2.95 19.02 -2.17
CA TYR D 35 -1.87 19.40 -3.09
C TYR D 35 -1.11 18.13 -3.45
N GLY D 36 -0.36 18.19 -4.54
CA GLY D 36 0.48 17.07 -4.90
C GLY D 36 0.06 16.14 -6.02
N GLU D 37 0.74 14.99 -6.03
CA GLU D 37 0.53 13.95 -7.03
C GLU D 37 -0.92 13.47 -7.08
N TYR D 38 -1.58 13.43 -5.91
CA TYR D 38 -2.98 13.01 -5.81
C TYR D 38 -3.88 14.22 -5.68
N ASP D 39 -5.10 14.13 -6.16
CA ASP D 39 -6.02 15.25 -6.08
C ASP D 39 -6.82 15.24 -4.79
N LEU D 40 -7.15 14.03 -4.31
CA LEU D 40 -7.95 13.91 -3.09
C LEU D 40 -7.52 12.80 -2.16
N ILE D 41 -7.84 12.97 -0.88
CA ILE D 41 -7.59 11.94 0.11
C ILE D 41 -8.96 11.75 0.78
N VAL D 42 -9.33 10.50 0.99
CA VAL D 42 -10.63 10.19 1.56
C VAL D 42 -10.50 9.13 2.66
N LYS D 43 -11.15 9.36 3.81
CA LYS D 43 -11.13 8.37 4.88
C LYS D 43 -12.48 7.66 4.82
N VAL D 44 -12.45 6.33 4.73
CA VAL D 44 -13.69 5.56 4.66
C VAL D 44 -13.70 4.48 5.76
N GLU D 45 -14.89 4.01 6.10
CA GLU D 45 -15.05 2.97 7.13
C GLU D 45 -16.15 2.03 6.67
N THR D 46 -15.91 0.73 6.83
CA THR D 46 -16.90 -0.29 6.46
C THR D 46 -16.98 -1.27 7.63
N ASP D 47 -18.03 -2.09 7.65
CA ASP D 47 -18.17 -3.04 8.76
C ASP D 47 -17.09 -4.12 8.72
N THR D 48 -16.83 -4.67 7.53
CA THR D 48 -15.85 -5.73 7.38
C THR D 48 -14.90 -5.48 6.22
N LEU D 49 -13.87 -6.30 6.11
CA LEU D 49 -12.90 -6.17 5.03
C LEU D 49 -13.59 -6.55 3.72
N LYS D 50 -14.48 -7.54 3.76
CA LYS D 50 -15.20 -7.95 2.54
C LYS D 50 -16.02 -6.77 2.02
N ASP D 51 -16.58 -5.98 2.93
CA ASP D 51 -17.38 -4.82 2.53
C ASP D 51 -16.47 -3.76 1.90
N LEU D 52 -15.28 -3.59 2.47
CA LEU D 52 -14.34 -2.61 1.92
C LEU D 52 -13.98 -3.03 0.49
N ASP D 53 -13.70 -4.33 0.32
CA ASP D 53 -13.36 -4.86 -1.00
C ASP D 53 -14.41 -4.49 -2.04
N GLN D 54 -15.67 -4.70 -1.67
CA GLN D 54 -16.79 -4.42 -2.58
C GLN D 54 -16.88 -2.92 -2.87
N PHE D 55 -16.85 -2.14 -1.80
CA PHE D 55 -16.92 -0.68 -1.90
C PHE D 55 -15.83 -0.11 -2.82
N ILE D 56 -14.57 -0.46 -2.57
CA ILE D 56 -13.48 0.06 -3.39
C ILE D 56 -13.52 -0.44 -4.84
N THR D 57 -13.74 -1.74 -5.01
CA THR D 57 -13.77 -2.33 -6.34
C THR D 57 -14.94 -1.85 -7.18
N GLU D 58 -16.09 -1.67 -6.55
CA GLU D 58 -17.30 -1.25 -7.27
C GLU D 58 -17.69 0.22 -7.25
N LYS D 59 -17.64 0.87 -6.09
CA LYS D 59 -18.05 2.26 -6.04
C LYS D 59 -16.93 3.26 -6.28
N ILE D 60 -15.69 2.87 -6.01
CA ILE D 60 -14.61 3.82 -6.19
C ILE D 60 -13.86 3.62 -7.50
N ARG D 61 -13.36 2.41 -7.74
CA ARG D 61 -12.59 2.19 -8.95
C ARG D 61 -13.34 2.16 -10.25
N LYS D 62 -14.65 2.00 -10.19
CA LYS D 62 -15.45 2.02 -11.40
C LYS D 62 -16.05 3.41 -11.63
N MET D 63 -15.78 4.35 -10.73
CA MET D 63 -16.27 5.72 -10.92
C MET D 63 -15.53 6.23 -12.17
N PRO D 64 -16.26 6.62 -13.22
CA PRO D 64 -15.73 7.11 -14.49
C PRO D 64 -14.67 8.20 -14.44
N GLU D 65 -14.80 9.08 -13.46
CA GLU D 65 -13.86 10.19 -13.33
C GLU D 65 -12.54 9.81 -12.67
N ILE D 66 -12.50 8.63 -12.05
CA ILE D 66 -11.29 8.21 -11.33
C ILE D 66 -10.26 7.60 -12.28
N GLN D 67 -9.03 8.08 -12.20
CA GLN D 67 -7.94 7.57 -13.04
C GLN D 67 -7.01 6.63 -12.27
N MET D 68 -6.78 6.91 -10.99
CA MET D 68 -5.92 6.03 -10.20
C MET D 68 -6.23 6.18 -8.70
N THR D 69 -6.01 5.10 -7.95
CA THR D 69 -6.23 5.12 -6.51
C THR D 69 -5.17 4.30 -5.77
N SER D 70 -4.92 4.67 -4.53
CA SER D 70 -4.00 3.94 -3.68
C SER D 70 -4.66 3.94 -2.31
N THR D 71 -5.03 2.75 -1.83
CA THR D 71 -5.73 2.62 -0.55
C THR D 71 -4.83 2.12 0.57
N MET D 72 -4.84 2.85 1.69
CA MET D 72 -4.02 2.46 2.83
C MET D 72 -4.94 2.02 3.97
N ILE D 73 -5.03 0.72 4.17
CA ILE D 73 -5.86 0.18 5.24
C ILE D 73 -5.21 0.47 6.60
N ALA D 74 -6.01 0.88 7.59
CA ALA D 74 -5.44 1.17 8.90
C ALA D 74 -5.58 0.01 9.87
N ILE D 75 -4.73 0.01 10.90
CA ILE D 75 -4.80 -1.00 11.94
C ILE D 75 -5.75 -0.46 13.00
#